data_9IA4
#
_entry.id   9IA4
#
_cell.length_a   94.380
_cell.length_b   146.160
_cell.length_c   84.720
_cell.angle_alpha   90.000
_cell.angle_beta   90.000
_cell.angle_gamma   90.000
#
_symmetry.space_group_name_H-M   'C 2 2 21'
#
loop_
_entity.id
_entity.type
_entity.pdbx_description
1 polymer 'Heavy chain'
2 polymer 'Light chain'
3 water water
#
loop_
_entity_poly.entity_id
_entity_poly.type
_entity_poly.pdbx_seq_one_letter_code
_entity_poly.pdbx_strand_id
1 'polypeptide(L)'
;EIVLTQSPATLSLSPGARASLSCRASQSVNNFLAWYQQKPGQAPRLLIYDASKRATGIPARFSGSGSGTDFTLTISSLEP
EDFAVYYCQQRTNWPPLTFGGGTKVEIKRTVAAPSVFIFPPSDEQLKSGTASVVCLLNNFYPREAKVQWKVDNALQSGNS
QESVTEQDSKDSTYSLSSTLTLSKADYEKHKVYACEVTHQGLSSPVTKSFNRGEC
;
A
2 'polypeptide(L)'
;QVQLVQSGAEVKKPGSSVKVSCKASGGTFKTYTLTWVRQAPGQGLEWLGGIIPIFDAPNYAPKLLGRLTITADESTKTSY
MELSSLRSEDSAIYYCARVGDYGDHPPWGWFDLWGQGTLVTVSSASTKGPSVFPLAPSSKSTSGGTAALGCLVKDYFPEP
VTVSWNSGALTSGVHTFPAVLQSSGLYSLSSVVTVPSSSLGTQTYICNVNHKPSNTKVDKKVEPKSCD
;
B
#
# COMPACT_ATOMS: atom_id res chain seq x y z
N GLU A 1 4.43 -25.81 11.02
CA GLU A 1 5.63 -25.00 10.76
C GLU A 1 5.88 -24.01 11.90
N ILE A 2 6.88 -23.15 11.73
CA ILE A 2 7.19 -22.14 12.73
C ILE A 2 6.43 -20.87 12.39
N VAL A 3 5.58 -20.43 13.31
CA VAL A 3 4.76 -19.25 13.12
C VAL A 3 5.27 -18.13 14.02
N LEU A 4 5.50 -16.95 13.44
CA LEU A 4 5.90 -15.77 14.18
C LEU A 4 4.72 -14.82 14.31
N THR A 5 4.43 -14.39 15.53
CA THR A 5 3.29 -13.52 15.81
C THR A 5 3.78 -12.18 16.34
N GLN A 6 3.43 -11.11 15.64
CA GLN A 6 3.77 -9.75 16.01
C GLN A 6 2.52 -9.08 16.55
N SER A 7 2.45 -8.91 17.86
CA SER A 7 1.29 -8.30 18.52
C SER A 7 1.82 -7.21 19.45
N PRO A 8 1.39 -5.94 19.29
CA PRO A 8 0.30 -5.47 18.42
C PRO A 8 0.72 -5.18 17.00
N ALA A 9 -0.27 -5.20 16.10
CA ALA A 9 -0.02 -4.93 14.68
C ALA A 9 0.17 -3.45 14.40
N THR A 10 -0.42 -2.57 15.22
CA THR A 10 -0.20 -1.14 15.14
C THR A 10 0.18 -0.61 16.51
N LEU A 11 1.30 0.11 16.58
CA LEU A 11 1.71 0.86 17.75
C LEU A 11 1.56 2.35 17.45
N SER A 12 0.84 3.07 18.29
CA SER A 12 0.65 4.51 18.16
C SER A 12 1.49 5.19 19.24
N LEU A 13 2.55 5.87 18.84
CA LEU A 13 3.48 6.48 19.80
C LEU A 13 3.81 7.92 19.44
N SER A 14 4.14 8.70 20.47
CA SER A 14 4.54 10.09 20.29
C SER A 14 5.96 10.19 19.73
N PRO A 15 6.25 11.24 18.98
CA PRO A 15 7.64 11.44 18.53
C PRO A 15 8.52 11.69 19.76
N GLY A 16 9.61 10.93 19.83
CA GLY A 16 10.52 11.00 20.97
C GLY A 16 10.39 9.84 21.94
N ALA A 17 9.31 9.07 21.88
CA ALA A 17 9.01 8.08 22.90
C ALA A 17 9.72 6.76 22.65
N ARG A 18 9.74 5.94 23.69
CA ARG A 18 10.31 4.61 23.56
C ARG A 18 9.32 3.65 22.89
N ALA A 19 9.82 2.82 21.99
CA ALA A 19 8.98 1.88 21.25
C ALA A 19 9.44 0.46 21.56
N SER A 20 8.52 -0.39 22.01
CA SER A 20 8.82 -1.80 22.25
C SER A 20 7.90 -2.63 21.36
N LEU A 21 8.51 -3.48 20.53
CA LEU A 21 7.79 -4.28 19.54
C LEU A 21 8.06 -5.73 19.85
N SER A 22 7.02 -6.55 19.80
CA SER A 22 7.10 -7.92 20.25
C SER A 22 7.00 -8.88 19.06
N CYS A 23 7.57 -10.06 19.25
CA CYS A 23 7.51 -11.14 18.28
C CYS A 23 7.50 -12.42 19.09
N ARG A 24 6.52 -13.27 18.84
CA ARG A 24 6.38 -14.53 19.55
C ARG A 24 6.53 -15.66 18.53
N ALA A 25 7.33 -16.66 18.86
CA ALA A 25 7.56 -17.80 17.98
C ALA A 25 6.77 -19.00 18.46
N SER A 26 6.21 -19.75 17.51
CA SER A 26 5.43 -20.94 17.84
C SER A 26 6.27 -22.04 18.47
N GLN A 27 7.58 -22.02 18.27
CA GLN A 27 8.47 -22.91 19.01
C GLN A 27 9.81 -22.21 19.11
N SER A 28 10.71 -22.79 19.90
CA SER A 28 11.97 -22.13 20.19
C SER A 28 12.81 -21.98 18.92
N VAL A 29 13.17 -20.75 18.59
CA VAL A 29 14.16 -20.50 17.55
C VAL A 29 15.51 -20.13 18.14
N ASN A 30 15.71 -20.39 19.44
CA ASN A 30 16.90 -19.98 20.18
C ASN A 30 17.13 -18.48 20.02
N ASN A 31 18.25 -18.09 19.41
CA ASN A 31 18.52 -16.69 19.12
C ASN A 31 18.51 -16.39 17.62
N PHE A 32 18.02 -17.33 16.80
CA PHE A 32 18.07 -17.18 15.35
C PHE A 32 16.87 -16.38 14.85
N LEU A 33 16.93 -15.08 15.13
CA LEU A 33 15.81 -14.20 14.86
C LEU A 33 16.34 -12.88 14.33
N ALA A 34 15.71 -12.35 13.28
CA ALA A 34 16.12 -11.10 12.65
C ALA A 34 14.98 -10.10 12.66
N TRP A 35 15.34 -8.82 12.73
CA TRP A 35 14.39 -7.72 12.60
C TRP A 35 14.71 -6.89 11.36
N TYR A 36 13.67 -6.49 10.63
CA TYR A 36 13.79 -5.56 9.50
C TYR A 36 12.91 -4.33 9.71
N GLN A 37 13.32 -3.24 9.08
CA GLN A 37 12.50 -2.04 8.93
C GLN A 37 12.10 -1.88 7.46
N GLN A 38 10.86 -1.51 7.19
CA GLN A 38 10.46 -1.18 5.81
C GLN A 38 9.70 0.14 5.79
N LYS A 39 10.25 1.13 5.08
CA LYS A 39 9.60 2.42 4.88
C LYS A 39 8.84 2.43 3.56
N PRO A 40 7.86 3.34 3.41
CA PRO A 40 7.03 3.32 2.21
C PRO A 40 7.86 3.51 0.94
N GLY A 41 7.61 2.64 -0.04
CA GLY A 41 8.25 2.76 -1.32
C GLY A 41 9.60 2.09 -1.46
N GLN A 42 10.08 1.41 -0.42
CA GLN A 42 11.43 0.88 -0.41
C GLN A 42 11.46 -0.59 -0.03
N ALA A 43 12.52 -1.28 -0.49
CA ALA A 43 12.92 -2.59 0.04
C ALA A 43 13.11 -2.52 1.54
N PRO A 44 12.96 -3.63 2.26
CA PRO A 44 13.25 -3.63 3.70
C PRO A 44 14.73 -3.46 3.95
N ARG A 45 15.04 -3.15 5.20
CA ARG A 45 16.40 -2.93 5.66
C ARG A 45 16.61 -3.77 6.93
N LEU A 46 17.70 -4.54 6.95
CA LEU A 46 18.00 -5.35 8.13
C LEU A 46 18.49 -4.46 9.30
N LEU A 47 17.92 -4.66 10.48
CA LEU A 47 18.27 -3.91 11.69
C LEU A 47 19.01 -4.77 12.72
N ILE A 48 18.48 -5.95 13.03
CA ILE A 48 19.00 -6.80 14.08
C ILE A 48 19.08 -8.22 13.54
N TYR A 49 20.16 -8.93 13.87
CA TYR A 49 20.29 -10.35 13.58
C TYR A 49 20.76 -11.07 14.85
N ASP A 50 20.62 -12.39 14.84
CA ASP A 50 20.88 -13.23 16.02
C ASP A 50 20.22 -12.65 17.27
N ALA A 51 18.98 -12.17 17.13
CA ALA A 51 18.14 -11.70 18.24
C ALA A 51 18.60 -10.39 18.85
N SER A 52 19.92 -10.15 18.96
CA SER A 52 20.38 -8.99 19.70
C SER A 52 21.54 -8.22 19.07
N LYS A 53 21.99 -8.58 17.89
CA LYS A 53 23.17 -7.96 17.29
C LYS A 53 22.73 -6.89 16.30
N ARG A 54 23.30 -5.70 16.45
CA ARG A 54 22.95 -4.59 15.59
C ARG A 54 23.67 -4.77 14.24
N ALA A 55 22.93 -4.61 13.15
CA ALA A 55 23.54 -4.71 11.82
C ALA A 55 24.39 -3.49 11.53
N THR A 56 25.39 -3.66 10.66
CA THR A 56 26.35 -2.59 10.37
C THR A 56 25.64 -1.32 9.91
N GLY A 57 26.09 -0.17 10.41
CA GLY A 57 25.49 1.10 10.05
C GLY A 57 24.09 1.35 10.58
N ILE A 58 23.54 0.50 11.43
CA ILE A 58 22.24 0.74 12.05
C ILE A 58 22.43 1.61 13.29
N PRO A 59 21.67 2.70 13.47
CA PRO A 59 21.94 3.60 14.61
C PRO A 59 21.69 2.92 15.95
N ALA A 60 22.40 3.43 16.97
CA ALA A 60 22.41 2.82 18.30
C ALA A 60 21.06 2.87 19.01
N ARG A 61 20.08 3.64 18.53
CA ARG A 61 18.81 3.62 19.24
C ARG A 61 18.03 2.34 19.00
N PHE A 62 18.44 1.49 18.05
CA PHE A 62 17.79 0.20 17.84
C PHE A 62 18.52 -0.89 18.61
N SER A 63 17.76 -1.74 19.30
CA SER A 63 18.35 -2.88 20.01
C SER A 63 17.37 -4.03 20.04
N GLY A 64 17.91 -5.25 20.04
CA GLY A 64 17.12 -6.46 20.10
C GLY A 64 17.44 -7.24 21.37
N SER A 65 16.46 -8.00 21.83
CA SER A 65 16.68 -8.90 22.96
C SER A 65 15.62 -9.98 22.94
N GLY A 66 15.88 -11.00 23.75
CA GLY A 66 15.08 -12.21 23.85
C GLY A 66 15.82 -13.39 23.27
N SER A 67 15.30 -14.57 23.59
CA SER A 67 15.85 -15.81 23.06
C SER A 67 14.84 -16.93 23.29
N GLY A 68 14.77 -17.86 22.35
CA GLY A 68 13.85 -18.96 22.47
C GLY A 68 12.53 -18.69 21.78
N THR A 69 11.66 -17.96 22.46
CA THR A 69 10.28 -17.84 22.02
C THR A 69 9.78 -16.41 21.96
N ASP A 70 10.19 -15.56 22.89
CA ASP A 70 9.72 -14.18 22.97
C ASP A 70 10.84 -13.21 22.63
N PHE A 71 10.55 -12.20 21.81
CA PHE A 71 11.59 -11.30 21.33
C PHE A 71 11.07 -9.88 21.33
N THR A 72 11.97 -8.93 21.63
CA THR A 72 11.63 -7.52 21.64
C THR A 72 12.58 -6.73 20.74
N LEU A 73 12.01 -5.91 19.87
CA LEU A 73 12.75 -4.83 19.23
C LEU A 73 12.44 -3.54 19.99
N THR A 74 13.48 -2.88 20.46
CA THR A 74 13.36 -1.61 21.16
C THR A 74 13.99 -0.48 20.35
N ILE A 75 13.28 0.64 20.27
CA ILE A 75 13.83 1.90 19.77
C ILE A 75 13.73 2.85 20.95
N SER A 76 14.88 3.30 21.46
CA SER A 76 14.84 4.02 22.72
C SER A 76 14.21 5.39 22.58
N SER A 77 14.20 5.97 21.38
CA SER A 77 13.58 7.27 21.19
C SER A 77 13.28 7.42 19.70
N LEU A 78 12.00 7.34 19.32
CA LEU A 78 11.61 7.40 17.91
C LEU A 78 12.00 8.73 17.28
N GLU A 79 12.74 8.66 16.18
CA GLU A 79 12.92 9.82 15.32
C GLU A 79 11.85 9.81 14.22
N PRO A 80 11.64 10.94 13.54
CA PRO A 80 10.60 10.96 12.49
C PRO A 80 10.71 9.83 11.48
N GLU A 81 11.94 9.42 11.12
CA GLU A 81 12.12 8.34 10.16
C GLU A 81 11.72 6.99 10.70
N ASP A 82 11.61 6.85 12.03
CA ASP A 82 11.36 5.54 12.61
C ASP A 82 9.90 5.11 12.52
N PHE A 83 9.00 5.97 12.04
CA PHE A 83 7.59 5.60 11.93
C PHE A 83 7.40 4.84 10.62
N ALA A 84 7.43 3.52 10.70
CA ALA A 84 7.40 2.63 9.55
C ALA A 84 6.89 1.26 10.01
N VAL A 85 7.15 0.22 9.20
CA VAL A 85 6.73 -1.14 9.52
C VAL A 85 7.96 -1.95 9.89
N TYR A 86 7.82 -2.79 10.92
CA TYR A 86 8.88 -3.68 11.38
C TYR A 86 8.44 -5.13 11.29
N TYR A 87 9.34 -5.99 10.79
CA TYR A 87 9.09 -7.42 10.61
C TYR A 87 10.19 -8.21 11.31
N CYS A 88 9.81 -9.28 11.99
CA CYS A 88 10.79 -10.26 12.46
C CYS A 88 10.80 -11.41 11.47
N GLN A 89 11.87 -12.21 11.52
CA GLN A 89 12.01 -13.36 10.63
C GLN A 89 12.80 -14.42 11.38
N GLN A 90 12.34 -15.67 11.31
CA GLN A 90 13.09 -16.76 11.91
C GLN A 90 14.25 -17.14 10.99
N ARG A 91 15.41 -17.38 11.59
CA ARG A 91 16.68 -17.58 10.88
C ARG A 91 17.30 -18.91 11.22
N THR A 92 16.51 -19.97 11.34
CA THR A 92 17.06 -21.28 11.63
C THR A 92 17.45 -21.97 10.31
N ASN A 93 17.85 -23.23 10.41
CA ASN A 93 18.05 -24.09 9.26
C ASN A 93 16.77 -24.82 8.85
N TRP A 94 15.62 -24.42 9.37
CA TRP A 94 14.38 -25.06 8.94
C TRP A 94 13.57 -24.12 8.07
N PRO A 95 13.54 -24.33 6.76
CA PRO A 95 12.72 -23.50 5.89
C PRO A 95 11.25 -23.84 6.07
N PRO A 96 10.33 -22.95 5.69
CA PRO A 96 10.59 -21.62 5.13
C PRO A 96 11.01 -20.62 6.19
N LEU A 97 11.85 -19.64 5.83
CA LEU A 97 12.34 -18.63 6.78
C LEU A 97 11.25 -17.55 6.98
N THR A 98 10.22 -17.94 7.73
CA THR A 98 8.98 -17.16 7.81
C THR A 98 9.22 -15.78 8.41
N PHE A 99 8.46 -14.78 7.90
CA PHE A 99 8.32 -13.47 8.52
C PHE A 99 7.07 -13.42 9.40
N GLY A 100 7.12 -12.61 10.46
CA GLY A 100 5.90 -12.21 11.15
C GLY A 100 5.06 -11.29 10.29
N GLY A 101 3.85 -10.98 10.78
CA GLY A 101 2.92 -10.18 9.99
C GLY A 101 3.24 -8.70 9.93
N GLY A 102 4.21 -8.24 10.70
CA GLY A 102 4.55 -6.83 10.69
C GLY A 102 3.81 -6.04 11.76
N THR A 103 4.49 -5.01 12.27
CA THR A 103 3.94 -4.05 13.22
C THR A 103 4.20 -2.67 12.65
N LYS A 104 3.13 -1.88 12.48
CA LYS A 104 3.25 -0.51 12.02
C LYS A 104 3.33 0.42 13.23
N VAL A 105 4.32 1.33 13.21
CA VAL A 105 4.49 2.35 14.23
C VAL A 105 3.96 3.67 13.65
N GLU A 106 2.92 4.22 14.28
CA GLU A 106 2.28 5.43 13.80
C GLU A 106 2.35 6.54 14.85
N ILE A 107 2.23 7.78 14.38
CA ILE A 107 2.25 8.91 15.31
C ILE A 107 0.94 8.95 16.07
N LYS A 108 1.02 9.01 17.40
CA LYS A 108 -0.16 9.21 18.24
C LYS A 108 -0.38 10.71 18.42
N ARG A 109 -1.54 11.18 18.03
CA ARG A 109 -1.84 12.59 18.18
C ARG A 109 -3.22 12.69 18.80
N THR A 110 -3.68 13.92 19.04
CA THR A 110 -4.99 14.10 19.62
C THR A 110 -6.07 13.71 18.61
N VAL A 111 -7.22 13.30 19.14
CA VAL A 111 -8.36 12.97 18.30
C VAL A 111 -8.74 14.17 17.46
N ALA A 112 -9.02 13.92 16.18
CA ALA A 112 -9.51 14.95 15.26
C ALA A 112 -10.67 14.38 14.45
N ALA A 113 -11.83 15.03 14.55
CA ALA A 113 -13.00 14.56 13.83
C ALA A 113 -12.81 14.74 12.32
N PRO A 114 -13.36 13.84 11.52
CA PRO A 114 -13.33 14.04 10.07
C PRO A 114 -14.29 15.13 9.62
N SER A 115 -13.89 15.88 8.58
CA SER A 115 -14.83 16.57 7.70
C SER A 115 -15.36 15.59 6.65
N VAL A 116 -16.65 15.65 6.40
CA VAL A 116 -17.31 14.71 5.50
C VAL A 116 -17.89 15.48 4.32
N PHE A 117 -17.62 14.99 3.12
CA PHE A 117 -18.20 15.50 1.90
C PHE A 117 -18.77 14.34 1.08
N ILE A 118 -19.86 14.62 0.35
CA ILE A 118 -20.47 13.66 -0.56
C ILE A 118 -20.59 14.30 -1.95
N PHE A 119 -20.15 13.57 -2.97
CA PHE A 119 -20.17 14.03 -4.36
C PHE A 119 -21.10 13.16 -5.16
N PRO A 120 -22.19 13.69 -5.72
CA PRO A 120 -23.04 12.89 -6.59
C PRO A 120 -22.32 12.58 -7.90
N PRO A 121 -22.77 11.56 -8.64
CA PRO A 121 -22.12 11.24 -9.91
C PRO A 121 -22.26 12.39 -10.89
N SER A 122 -21.25 12.56 -11.72
CA SER A 122 -21.27 13.61 -12.73
C SER A 122 -22.21 13.25 -13.86
N ASP A 123 -22.72 14.28 -14.55
CA ASP A 123 -23.48 14.01 -15.77
C ASP A 123 -22.60 13.34 -16.81
N GLU A 124 -21.31 13.72 -16.85
CA GLU A 124 -20.33 13.04 -17.69
C GLU A 124 -20.41 11.53 -17.54
N GLN A 125 -20.31 11.06 -16.29
CA GLN A 125 -20.26 9.64 -16.06
C GLN A 125 -21.58 8.96 -16.40
N LEU A 126 -22.70 9.63 -16.12
CA LEU A 126 -23.98 8.99 -16.37
C LEU A 126 -24.19 8.72 -17.85
N LYS A 127 -23.65 9.56 -18.74
CA LYS A 127 -23.67 9.24 -20.16
C LYS A 127 -22.99 7.90 -20.45
N SER A 128 -22.06 7.49 -19.60
CA SER A 128 -21.26 6.29 -19.82
C SER A 128 -21.87 5.02 -19.24
N GLY A 129 -23.01 5.10 -18.56
CA GLY A 129 -23.69 3.93 -18.04
C GLY A 129 -23.45 3.58 -16.57
N THR A 130 -22.55 4.26 -15.87
CA THR A 130 -22.36 3.93 -14.46
C THR A 130 -22.45 5.19 -13.60
N ALA A 131 -22.80 4.98 -12.33
CA ALA A 131 -22.92 6.07 -11.36
C ALA A 131 -21.98 5.80 -10.20
N SER A 132 -21.00 6.69 -10.01
CA SER A 132 -20.10 6.61 -8.86
C SER A 132 -20.46 7.72 -7.88
N VAL A 133 -20.68 7.35 -6.61
CA VAL A 133 -20.95 8.29 -5.54
C VAL A 133 -19.78 8.25 -4.56
N VAL A 134 -19.13 9.40 -4.36
CA VAL A 134 -17.92 9.48 -3.56
C VAL A 134 -18.23 10.20 -2.26
N CYS A 135 -17.84 9.57 -1.16
CA CYS A 135 -17.91 10.10 0.19
C CYS A 135 -16.48 10.29 0.70
N LEU A 136 -16.17 11.49 1.15
CA LEU A 136 -14.82 11.86 1.54
C LEU A 136 -14.79 12.21 3.03
N LEU A 137 -13.84 11.60 3.75
CA LEU A 137 -13.55 11.94 5.14
C LEU A 137 -12.17 12.56 5.16
N ASN A 138 -12.10 13.82 5.54
CA ASN A 138 -10.88 14.60 5.38
C ASN A 138 -10.21 14.84 6.74
N ASN A 139 -8.94 14.44 6.84
CA ASN A 139 -7.99 14.85 7.89
C ASN A 139 -8.52 14.53 9.30
N PHE A 140 -8.65 13.24 9.59
CA PHE A 140 -9.09 12.78 10.90
C PHE A 140 -7.99 11.96 11.58
N TYR A 141 -8.12 11.78 12.90
CA TYR A 141 -7.26 10.87 13.67
C TYR A 141 -8.08 10.44 14.87
N PRO A 142 -8.06 9.14 15.26
CA PRO A 142 -7.30 8.00 14.70
C PRO A 142 -7.89 7.43 13.42
N ARG A 143 -7.26 6.35 12.97
CA ARG A 143 -7.58 5.84 11.66
C ARG A 143 -8.92 5.11 11.62
N GLU A 144 -9.30 4.39 12.68
CA GLU A 144 -10.57 3.67 12.69
C GLU A 144 -11.73 4.61 12.38
N ALA A 145 -12.54 4.24 11.38
CA ALA A 145 -13.70 5.03 10.99
C ALA A 145 -14.64 4.13 10.22
N LYS A 146 -15.92 4.24 10.51
CA LYS A 146 -16.93 3.42 9.84
C LYS A 146 -17.77 4.33 8.94
N VAL A 147 -17.88 3.96 7.67
CA VAL A 147 -18.79 4.64 6.76
C VAL A 147 -19.81 3.62 6.27
N GLN A 148 -21.08 3.92 6.47
CA GLN A 148 -22.16 3.03 6.10
C GLN A 148 -22.99 3.75 5.04
N TRP A 149 -23.08 3.15 3.85
CA TRP A 149 -23.84 3.74 2.75
C TRP A 149 -25.31 3.36 2.85
N LYS A 150 -26.20 4.34 2.73
CA LYS A 150 -27.63 4.08 2.76
C LYS A 150 -28.31 4.68 1.53
N VAL A 151 -29.07 3.84 0.83
CA VAL A 151 -29.79 4.21 -0.40
C VAL A 151 -31.28 4.10 -0.11
N ASP A 152 -31.98 5.24 -0.12
CA ASP A 152 -33.37 5.30 0.32
C ASP A 152 -33.54 4.59 1.66
N ASN A 153 -32.66 4.94 2.61
CA ASN A 153 -32.66 4.48 3.99
C ASN A 153 -32.35 3.00 4.13
N ALA A 154 -31.83 2.34 3.10
CA ALA A 154 -31.53 0.92 3.13
C ALA A 154 -30.01 0.72 3.11
N LEU A 155 -29.52 -0.06 4.08
CA LEU A 155 -28.08 -0.20 4.31
C LEU A 155 -27.42 -0.92 3.13
N GLN A 156 -26.41 -0.28 2.54
CA GLN A 156 -25.73 -0.83 1.39
C GLN A 156 -24.54 -1.67 1.84
N SER A 157 -24.51 -2.93 1.41
CA SER A 157 -23.44 -3.86 1.77
C SER A 157 -22.88 -4.51 0.52
N GLY A 158 -21.59 -4.83 0.56
CA GLY A 158 -20.92 -5.43 -0.60
C GLY A 158 -21.07 -4.62 -1.86
N ASN A 159 -21.03 -3.30 -1.74
CA ASN A 159 -21.43 -2.42 -2.82
C ASN A 159 -20.50 -1.23 -3.03
N SER A 160 -19.49 -1.06 -2.17
CA SER A 160 -18.65 0.11 -2.18
C SER A 160 -17.22 -0.31 -1.88
N GLN A 161 -16.29 0.60 -2.14
CA GLN A 161 -14.88 0.39 -1.87
C GLN A 161 -14.31 1.60 -1.15
N GLU A 162 -13.55 1.34 -0.09
CA GLU A 162 -12.82 2.35 0.67
C GLU A 162 -11.39 2.48 0.15
N SER A 163 -10.76 3.60 0.48
CA SER A 163 -9.33 3.78 0.24
C SER A 163 -8.79 4.86 1.18
N VAL A 164 -7.61 4.62 1.77
CA VAL A 164 -7.11 5.43 2.88
C VAL A 164 -5.72 5.96 2.54
N THR A 165 -5.49 7.25 2.81
CA THR A 165 -4.16 7.80 2.64
C THR A 165 -3.24 7.38 3.79
N GLU A 166 -1.95 7.36 3.50
CA GLU A 166 -0.97 7.20 4.56
C GLU A 166 -1.07 8.38 5.54
N GLN A 167 -0.54 8.18 6.73
CA GLN A 167 -0.57 9.23 7.73
C GLN A 167 0.19 10.46 7.23
N ASP A 168 -0.48 11.61 7.24
CA ASP A 168 0.08 12.82 6.66
C ASP A 168 1.29 13.32 7.45
N SER A 169 2.29 13.85 6.74
CA SER A 169 3.55 14.26 7.38
C SER A 169 3.42 15.57 8.14
N LYS A 170 2.53 16.46 7.71
CA LYS A 170 2.40 17.76 8.38
C LYS A 170 1.62 17.66 9.71
N ASP A 171 0.43 17.08 9.71
CA ASP A 171 -0.45 17.07 10.88
C ASP A 171 -0.83 15.68 11.37
N SER A 172 -0.20 14.62 10.83
CA SER A 172 -0.40 13.22 11.24
C SER A 172 -1.85 12.76 11.19
N THR A 173 -2.65 13.29 10.29
CA THR A 173 -4.02 12.80 10.15
C THR A 173 -4.11 11.82 8.98
N TYR A 174 -5.26 11.17 8.89
CA TYR A 174 -5.64 10.34 7.75
C TYR A 174 -6.78 10.98 6.98
N SER A 175 -6.93 10.56 5.72
CA SER A 175 -8.10 10.88 4.90
C SER A 175 -8.58 9.61 4.23
N LEU A 176 -9.88 9.56 3.93
CA LEU A 176 -10.51 8.35 3.44
C LEU A 176 -11.56 8.70 2.40
N SER A 177 -11.59 7.95 1.32
CA SER A 177 -12.67 8.03 0.36
C SER A 177 -13.40 6.70 0.35
N SER A 178 -14.73 6.76 0.39
CA SER A 178 -15.57 5.59 0.14
C SER A 178 -16.34 5.85 -1.15
N THR A 179 -16.36 4.87 -2.03
CA THR A 179 -16.97 5.00 -3.34
C THR A 179 -18.06 3.96 -3.51
N LEU A 180 -19.29 4.41 -3.71
CA LEU A 180 -20.40 3.54 -4.04
C LEU A 180 -20.61 3.59 -5.55
N THR A 181 -20.54 2.43 -6.20
CA THR A 181 -20.71 2.35 -7.64
C THR A 181 -21.97 1.56 -7.97
N LEU A 182 -22.99 2.24 -8.47
CA LEU A 182 -24.17 1.62 -9.06
C LEU A 182 -24.19 1.86 -10.56
N SER A 183 -24.82 0.95 -11.30
CA SER A 183 -25.09 1.22 -12.71
C SER A 183 -26.15 2.31 -12.84
N LYS A 184 -26.14 2.99 -13.98
CA LYS A 184 -27.06 4.11 -14.18
C LYS A 184 -28.51 3.66 -14.06
N ALA A 185 -28.84 2.49 -14.62
CA ALA A 185 -30.19 1.96 -14.48
C ALA A 185 -30.54 1.78 -13.01
N ASP A 186 -29.62 1.18 -12.23
CA ASP A 186 -29.87 0.97 -10.81
C ASP A 186 -29.92 2.30 -10.05
N TYR A 187 -29.09 3.27 -10.45
CA TYR A 187 -29.09 4.59 -9.82
C TYR A 187 -30.45 5.26 -9.91
N GLU A 188 -31.06 5.23 -11.10
CA GLU A 188 -32.30 5.98 -11.26
C GLU A 188 -33.49 5.31 -10.58
N LYS A 189 -33.31 4.14 -9.98
CA LYS A 189 -34.40 3.50 -9.26
C LYS A 189 -34.59 4.05 -7.86
N HIS A 190 -33.76 5.00 -7.42
CA HIS A 190 -33.83 5.46 -6.03
C HIS A 190 -33.58 6.97 -5.98
N LYS A 191 -33.88 7.57 -4.82
CA LYS A 191 -33.88 9.02 -4.65
C LYS A 191 -32.84 9.52 -3.66
N VAL A 192 -32.82 9.01 -2.44
CA VAL A 192 -31.99 9.56 -1.36
C VAL A 192 -30.73 8.72 -1.21
N TYR A 193 -29.57 9.36 -1.32
CA TYR A 193 -28.27 8.70 -1.26
C TYR A 193 -27.48 9.30 -0.11
N ALA A 194 -27.01 8.46 0.80
CA ALA A 194 -26.40 8.99 2.01
C ALA A 194 -25.26 8.11 2.48
N CYS A 195 -24.16 8.75 2.91
CA CYS A 195 -23.13 8.07 3.68
C CYS A 195 -23.15 8.57 5.12
N GLU A 196 -22.93 7.65 6.04
CA GLU A 196 -23.06 7.88 7.46
C GLU A 196 -21.74 7.50 8.11
N VAL A 197 -21.11 8.48 8.77
CA VAL A 197 -19.74 8.35 9.28
C VAL A 197 -19.80 8.30 10.81
N THR A 198 -19.23 7.25 11.40
CA THR A 198 -18.98 7.22 12.83
C THR A 198 -17.47 7.20 13.08
N HIS A 199 -17.05 7.96 14.09
CA HIS A 199 -15.64 8.14 14.39
C HIS A 199 -15.53 8.62 15.84
N GLN A 200 -14.36 8.35 16.44
CA GLN A 200 -14.17 8.67 17.85
C GLN A 200 -14.24 10.17 18.11
N GLY A 201 -13.86 11.00 17.16
CA GLY A 201 -14.05 12.43 17.36
C GLY A 201 -15.45 12.97 17.12
N LEU A 202 -16.47 12.14 16.89
CA LEU A 202 -17.85 12.59 16.67
C LEU A 202 -18.76 12.04 17.77
N SER A 203 -19.39 12.95 18.52
CA SER A 203 -20.35 12.51 19.53
C SER A 203 -21.53 11.76 18.91
N SER A 204 -21.76 11.92 17.61
CA SER A 204 -22.89 11.31 16.92
C SER A 204 -22.50 11.07 15.48
N PRO A 205 -23.09 10.07 14.82
CA PRO A 205 -22.83 9.88 13.38
C PRO A 205 -23.10 11.14 12.58
N VAL A 206 -22.26 11.41 11.60
CA VAL A 206 -22.48 12.48 10.64
C VAL A 206 -23.04 11.84 9.37
N THR A 207 -24.07 12.44 8.81
CA THR A 207 -24.68 11.96 7.58
C THR A 207 -24.60 13.05 6.53
N LYS A 208 -24.07 12.72 5.36
CA LYS A 208 -24.16 13.59 4.21
C LYS A 208 -25.01 12.92 3.14
N SER A 209 -25.76 13.73 2.40
CA SER A 209 -26.77 13.11 1.55
C SER A 209 -27.24 14.11 0.50
N PHE A 210 -27.81 13.55 -0.55
CA PHE A 210 -28.44 14.33 -1.59
C PHE A 210 -29.62 13.55 -2.13
N ASN A 211 -30.55 14.28 -2.74
CA ASN A 211 -31.63 13.68 -3.51
C ASN A 211 -31.24 13.70 -4.98
N ARG A 212 -31.28 12.53 -5.63
CA ARG A 212 -30.85 12.40 -7.02
C ARG A 212 -31.60 13.38 -7.89
N GLY A 213 -30.86 14.30 -8.52
CA GLY A 213 -31.42 15.26 -9.45
C GLY A 213 -31.47 16.70 -8.98
N GLU A 214 -31.08 16.98 -7.75
CA GLU A 214 -31.25 18.30 -7.14
C GLU A 214 -29.91 19.02 -7.00
N CYS A 215 -29.98 20.35 -6.94
CA CYS A 215 -28.78 21.17 -6.73
C CYS A 215 -28.84 21.87 -5.38
N GLN B 1 28.37 0.68 -3.76
CA GLN B 1 29.06 -0.11 -4.77
C GLN B 1 28.20 -1.28 -5.22
N VAL B 2 28.17 -2.35 -4.41
CA VAL B 2 27.47 -3.58 -4.80
C VAL B 2 25.96 -3.31 -4.90
N GLN B 3 25.38 -3.72 -6.01
CA GLN B 3 23.96 -3.51 -6.26
C GLN B 3 23.33 -4.79 -6.78
N LEU B 4 22.01 -4.87 -6.65
CA LEU B 4 21.23 -5.94 -7.25
C LEU B 4 20.20 -5.29 -8.17
N VAL B 5 20.32 -5.52 -9.47
CA VAL B 5 19.41 -4.91 -10.43
C VAL B 5 18.44 -5.97 -10.92
N GLN B 6 17.13 -5.68 -10.80
CA GLN B 6 16.07 -6.60 -11.17
C GLN B 6 15.39 -6.20 -12.47
N SER B 7 14.70 -7.17 -13.06
CA SER B 7 13.95 -7.00 -14.31
C SER B 7 12.74 -6.08 -14.13
N GLY B 8 12.31 -5.49 -15.26
CA GLY B 8 11.20 -4.56 -15.25
C GLY B 8 9.86 -5.22 -14.97
N ALA B 9 8.85 -4.36 -14.80
CA ALA B 9 7.52 -4.83 -14.41
C ALA B 9 6.90 -5.71 -15.48
N GLU B 10 6.12 -6.70 -15.03
CA GLU B 10 5.51 -7.67 -15.92
C GLU B 10 4.02 -7.78 -15.65
N VAL B 11 3.24 -7.87 -16.72
CA VAL B 11 1.82 -8.19 -16.66
C VAL B 11 1.61 -9.52 -17.36
N LYS B 12 0.91 -10.44 -16.70
CA LYS B 12 0.81 -11.81 -17.14
C LYS B 12 -0.60 -12.32 -16.92
N LYS B 13 -1.08 -13.14 -17.86
CA LYS B 13 -2.41 -13.72 -17.79
C LYS B 13 -2.40 -14.92 -16.84
N PRO B 14 -3.52 -15.24 -16.20
CA PRO B 14 -3.54 -16.38 -15.27
C PRO B 14 -3.22 -17.69 -15.98
N GLY B 15 -2.58 -18.59 -15.25
CA GLY B 15 -2.16 -19.85 -15.80
C GLY B 15 -0.87 -19.81 -16.60
N SER B 16 -0.28 -18.62 -16.79
CA SER B 16 0.98 -18.52 -17.52
C SER B 16 2.15 -18.57 -16.54
N SER B 17 3.36 -18.29 -17.02
CA SER B 17 4.58 -18.29 -16.21
C SER B 17 5.27 -16.94 -16.34
N VAL B 18 6.03 -16.59 -15.31
CA VAL B 18 6.86 -15.39 -15.32
C VAL B 18 8.25 -15.78 -14.83
N LYS B 19 9.26 -15.09 -15.37
CA LYS B 19 10.66 -15.30 -15.00
C LYS B 19 11.27 -13.93 -14.74
N VAL B 20 11.59 -13.65 -13.48
CA VAL B 20 12.18 -12.38 -13.06
C VAL B 20 13.68 -12.59 -12.79
N SER B 21 14.49 -11.65 -13.24
CA SER B 21 15.94 -11.81 -13.14
C SER B 21 16.48 -10.86 -12.10
N CYS B 22 17.70 -11.15 -11.63
CA CYS B 22 18.35 -10.29 -10.64
C CYS B 22 19.84 -10.38 -10.90
N LYS B 23 20.44 -9.26 -11.30
CA LYS B 23 21.86 -9.22 -11.66
C LYS B 23 22.66 -8.48 -10.60
N ALA B 24 23.72 -9.11 -10.12
CA ALA B 24 24.59 -8.48 -9.13
C ALA B 24 25.70 -7.73 -9.86
N SER B 25 25.75 -6.41 -9.66
CA SER B 25 26.76 -5.55 -10.30
C SER B 25 28.12 -5.77 -9.67
N GLY B 26 28.41 -5.07 -8.58
CA GLY B 26 29.69 -5.19 -7.91
C GLY B 26 29.82 -6.51 -7.17
N GLY B 27 30.77 -6.54 -6.24
CA GLY B 27 30.94 -7.68 -5.36
C GLY B 27 31.44 -8.94 -6.03
N THR B 28 31.84 -9.92 -5.22
CA THR B 28 32.35 -11.19 -5.74
C THR B 28 31.74 -12.38 -5.01
N PHE B 29 30.50 -12.23 -4.53
CA PHE B 29 29.82 -13.30 -3.82
C PHE B 29 29.17 -14.28 -4.80
N LYS B 30 28.83 -15.47 -4.29
CA LYS B 30 28.18 -16.46 -5.12
C LYS B 30 26.71 -16.08 -5.39
N THR B 31 26.28 -16.30 -6.63
CA THR B 31 24.92 -15.95 -7.04
C THR B 31 23.87 -16.78 -6.32
N TYR B 32 24.22 -17.99 -5.87
CA TYR B 32 23.24 -18.86 -5.26
C TYR B 32 22.90 -18.45 -3.83
N THR B 33 23.65 -17.51 -3.24
CA THR B 33 23.26 -16.93 -1.96
C THR B 33 22.08 -15.98 -2.09
N LEU B 34 21.64 -15.64 -3.31
CA LEU B 34 20.49 -14.76 -3.48
C LEU B 34 19.17 -15.46 -3.17
N THR B 35 18.34 -14.79 -2.35
CA THR B 35 17.03 -15.21 -1.87
C THR B 35 15.94 -14.36 -2.51
N TRP B 36 14.75 -14.95 -2.68
CA TRP B 36 13.59 -14.25 -3.21
C TRP B 36 12.48 -14.15 -2.16
N VAL B 37 11.80 -12.99 -2.16
CA VAL B 37 10.77 -12.56 -1.20
C VAL B 37 9.69 -11.80 -1.98
N ARG B 38 8.45 -11.80 -1.47
CA ARG B 38 7.44 -11.02 -2.18
C ARG B 38 6.49 -10.34 -1.21
N GLN B 39 5.83 -9.30 -1.73
CA GLN B 39 4.95 -8.45 -0.93
C GLN B 39 3.75 -8.07 -1.79
N ALA B 40 2.58 -8.68 -1.51
CA ALA B 40 1.34 -8.30 -2.18
C ALA B 40 0.89 -6.92 -1.69
N PRO B 41 0.07 -6.21 -2.51
CA PRO B 41 -0.33 -4.84 -2.15
C PRO B 41 -0.91 -4.71 -0.73
N GLY B 42 -0.29 -3.86 0.09
CA GLY B 42 -0.70 -3.64 1.47
C GLY B 42 -0.50 -4.79 2.44
N GLN B 43 0.28 -5.80 2.08
CA GLN B 43 0.49 -7.01 2.87
C GLN B 43 1.92 -7.04 3.40
N GLY B 44 2.22 -8.07 4.21
CA GLY B 44 3.55 -8.27 4.74
C GLY B 44 4.47 -8.96 3.74
N LEU B 45 5.70 -9.22 4.18
CA LEU B 45 6.66 -9.96 3.38
C LEU B 45 6.36 -11.46 3.46
N GLU B 46 6.66 -12.17 2.38
CA GLU B 46 6.57 -13.63 2.36
C GLU B 46 7.86 -14.21 1.76
N TRP B 47 8.46 -15.16 2.46
CA TRP B 47 9.69 -15.81 2.03
C TRP B 47 9.37 -16.83 0.94
N LEU B 48 9.95 -16.66 -0.24
CA LEU B 48 9.63 -17.58 -1.33
C LEU B 48 10.55 -18.79 -1.35
N GLY B 49 11.86 -18.55 -1.28
CA GLY B 49 12.80 -19.63 -1.45
C GLY B 49 14.22 -19.11 -1.50
N GLY B 50 15.15 -20.04 -1.37
CA GLY B 50 16.56 -19.74 -1.24
C GLY B 50 17.27 -20.94 -0.64
N ILE B 51 18.60 -20.82 -0.56
CA ILE B 51 19.45 -21.91 -0.08
C ILE B 51 19.81 -21.65 1.37
N ILE B 52 19.27 -22.46 2.28
CA ILE B 52 19.75 -22.44 3.65
C ILE B 52 21.18 -22.97 3.67
N PRO B 53 22.10 -22.34 4.40
CA PRO B 53 23.54 -22.66 4.21
C PRO B 53 23.92 -24.13 4.40
N ILE B 54 23.15 -24.89 5.18
CA ILE B 54 23.49 -26.28 5.51
C ILE B 54 23.13 -27.25 4.39
N PHE B 55 22.49 -26.79 3.32
CA PHE B 55 22.02 -27.60 2.21
C PHE B 55 22.66 -27.10 0.91
N ASP B 56 22.47 -27.88 -0.16
CA ASP B 56 23.13 -27.63 -1.42
C ASP B 56 22.23 -27.08 -2.50
N ALA B 57 20.91 -27.11 -2.30
CA ALA B 57 19.93 -26.72 -3.30
C ALA B 57 18.87 -25.89 -2.62
N PRO B 58 18.07 -25.15 -3.38
CA PRO B 58 17.09 -24.24 -2.76
C PRO B 58 15.92 -24.99 -2.13
N ASN B 59 15.47 -24.46 -0.99
CA ASN B 59 14.16 -24.79 -0.43
C ASN B 59 13.15 -23.71 -0.86
N TYR B 60 11.86 -24.10 -0.87
CA TYR B 60 10.79 -23.20 -1.28
C TYR B 60 9.67 -23.18 -0.25
N ALA B 61 8.87 -22.13 -0.31
CA ALA B 61 7.71 -22.05 0.54
C ALA B 61 6.73 -23.15 0.19
N PRO B 62 6.32 -24.01 1.14
CA PRO B 62 5.49 -25.16 0.78
C PRO B 62 4.14 -24.76 0.21
N LYS B 63 3.58 -23.63 0.61
CA LYS B 63 2.31 -23.17 0.05
C LYS B 63 2.39 -22.86 -1.43
N LEU B 64 3.58 -22.65 -2.00
CA LEU B 64 3.68 -22.44 -3.44
C LEU B 64 3.34 -23.70 -4.21
N LEU B 65 3.55 -24.86 -3.59
CA LEU B 65 3.16 -26.17 -4.13
C LEU B 65 4.01 -26.59 -5.33
N GLY B 66 5.28 -26.19 -5.36
CA GLY B 66 6.18 -26.61 -6.42
C GLY B 66 6.18 -25.76 -7.68
N ARG B 67 5.39 -24.69 -7.73
CA ARG B 67 5.34 -23.85 -8.91
C ARG B 67 6.54 -22.91 -9.02
N LEU B 68 7.44 -22.88 -8.03
CA LEU B 68 8.55 -21.95 -8.01
C LEU B 68 9.86 -22.69 -8.25
N THR B 69 10.74 -22.08 -9.03
CA THR B 69 12.09 -22.55 -9.29
C THR B 69 13.03 -21.36 -9.15
N ILE B 70 14.15 -21.55 -8.45
CA ILE B 70 15.20 -20.53 -8.35
C ILE B 70 16.50 -21.13 -8.89
N THR B 71 17.13 -20.39 -9.80
CA THR B 71 18.28 -20.83 -10.56
C THR B 71 19.31 -19.71 -10.52
N ALA B 72 20.56 -20.07 -10.30
CA ALA B 72 21.65 -19.11 -10.26
C ALA B 72 22.56 -19.37 -11.46
N ASP B 73 22.79 -18.34 -12.26
CA ASP B 73 23.80 -18.38 -13.32
C ASP B 73 25.07 -17.69 -12.80
N GLU B 74 26.08 -18.49 -12.46
CA GLU B 74 27.32 -17.91 -11.95
C GLU B 74 28.04 -17.09 -13.01
N SER B 75 28.01 -17.54 -14.27
CA SER B 75 28.68 -16.83 -15.36
C SER B 75 28.34 -15.37 -15.37
N THR B 76 27.05 -15.04 -15.19
CA THR B 76 26.57 -13.68 -15.36
C THR B 76 26.12 -13.06 -14.05
N LYS B 77 26.36 -13.73 -12.92
CA LYS B 77 25.94 -13.24 -11.60
C LYS B 77 24.45 -12.91 -11.56
N THR B 78 23.64 -13.84 -12.07
CA THR B 78 22.21 -13.60 -12.20
C THR B 78 21.43 -14.73 -11.54
N SER B 79 20.50 -14.38 -10.68
CA SER B 79 19.58 -15.34 -10.10
C SER B 79 18.25 -15.20 -10.82
N TYR B 80 17.66 -16.32 -11.19
CA TYR B 80 16.37 -16.33 -11.86
C TYR B 80 15.32 -16.93 -10.95
N MET B 81 14.18 -16.28 -10.89
CA MET B 81 13.01 -16.75 -10.19
C MET B 81 11.95 -17.06 -11.25
N GLU B 82 11.48 -18.31 -11.30
CA GLU B 82 10.42 -18.66 -12.25
C GLU B 82 9.21 -19.20 -11.49
N LEU B 83 8.06 -18.53 -11.68
CA LEU B 83 6.81 -18.93 -11.06
C LEU B 83 5.81 -19.26 -12.16
N SER B 84 5.37 -20.52 -12.21
CA SER B 84 4.42 -20.99 -13.21
C SER B 84 3.02 -21.14 -12.64
N SER B 85 2.05 -21.31 -13.54
CA SER B 85 0.62 -21.43 -13.23
C SER B 85 0.14 -20.29 -12.33
N LEU B 86 0.31 -19.08 -12.82
CA LEU B 86 0.05 -17.88 -12.03
C LEU B 86 -1.40 -17.83 -11.54
N ARG B 87 -1.56 -17.75 -10.21
CA ARG B 87 -2.82 -17.39 -9.55
C ARG B 87 -2.87 -15.88 -9.30
N SER B 88 -4.09 -15.34 -9.28
CA SER B 88 -4.38 -13.98 -8.85
C SER B 88 -3.57 -13.55 -7.62
N GLU B 89 -3.42 -14.47 -6.67
CA GLU B 89 -2.67 -14.24 -5.44
C GLU B 89 -1.18 -13.95 -5.66
N ASP B 90 -0.60 -14.43 -6.76
CA ASP B 90 0.81 -14.17 -7.05
C ASP B 90 1.09 -12.73 -7.43
N SER B 91 0.06 -11.91 -7.63
CA SER B 91 0.29 -10.51 -7.94
C SER B 91 0.94 -9.81 -6.75
N ALA B 92 2.17 -9.33 -6.94
CA ALA B 92 2.93 -8.75 -5.84
C ALA B 92 4.18 -8.05 -6.38
N ILE B 93 4.90 -7.40 -5.47
CA ILE B 93 6.27 -6.98 -5.73
C ILE B 93 7.19 -8.11 -5.29
N TYR B 94 8.11 -8.51 -6.18
CA TYR B 94 9.06 -9.59 -5.92
C TYR B 94 10.44 -9.00 -5.71
N TYR B 95 11.10 -9.43 -4.63
CA TYR B 95 12.39 -8.91 -4.21
C TYR B 95 13.43 -10.02 -4.22
N CYS B 96 14.56 -9.73 -4.82
CA CYS B 96 15.79 -10.51 -4.70
C CYS B 96 16.65 -9.91 -3.57
N ALA B 97 17.35 -10.77 -2.81
CA ALA B 97 18.09 -10.21 -1.68
C ALA B 97 19.18 -11.14 -1.17
N ARG B 98 20.24 -10.55 -0.64
CA ARG B 98 21.30 -11.31 -0.01
C ARG B 98 21.40 -10.85 1.44
N VAL B 99 20.90 -11.68 2.36
CA VAL B 99 20.91 -11.37 3.79
C VAL B 99 21.41 -12.59 4.54
N GLY B 100 22.46 -12.40 5.35
CA GLY B 100 22.99 -13.47 6.17
C GLY B 100 24.46 -13.26 6.44
N ASP B 101 25.02 -14.24 7.16
CA ASP B 101 26.46 -14.30 7.43
C ASP B 101 27.06 -15.28 6.43
N TYR B 102 27.79 -14.76 5.44
CA TYR B 102 28.32 -15.61 4.38
C TYR B 102 29.85 -15.64 4.32
N GLY B 103 30.55 -14.71 4.98
CA GLY B 103 31.99 -14.81 5.12
C GLY B 103 32.82 -13.65 4.60
N ASP B 104 32.42 -12.42 4.90
CA ASP B 104 33.22 -11.24 4.59
C ASP B 104 33.48 -10.38 5.83
N TRP B 108 32.53 -8.43 8.41
CA TRP B 108 32.00 -7.49 9.40
C TRP B 108 30.46 -7.47 9.43
N GLY B 109 29.88 -8.26 10.34
CA GLY B 109 28.44 -8.29 10.50
C GLY B 109 27.75 -9.00 9.35
N TRP B 110 26.43 -9.03 9.41
CA TRP B 110 25.65 -9.71 8.39
C TRP B 110 25.61 -8.87 7.11
N PHE B 111 25.62 -9.56 5.96
CA PHE B 111 25.35 -8.90 4.69
C PHE B 111 23.87 -8.56 4.56
N ASP B 112 23.55 -7.37 4.04
CA ASP B 112 22.15 -6.97 3.79
C ASP B 112 22.10 -6.18 2.49
N LEU B 113 21.65 -6.82 1.42
CA LEU B 113 21.57 -6.21 0.10
C LEU B 113 20.26 -6.62 -0.60
N TRP B 114 19.54 -5.65 -1.14
CA TRP B 114 18.21 -5.85 -1.70
C TRP B 114 18.10 -5.29 -3.12
N GLY B 115 17.41 -6.01 -4.00
CA GLY B 115 17.08 -5.46 -5.29
C GLY B 115 16.00 -4.40 -5.15
N GLN B 116 15.75 -3.68 -6.25
CA GLN B 116 14.75 -2.61 -6.19
C GLN B 116 13.31 -3.13 -6.23
N GLY B 117 13.09 -4.41 -6.48
CA GLY B 117 11.72 -4.88 -6.62
C GLY B 117 11.28 -4.97 -8.07
N THR B 118 10.31 -5.87 -8.31
CA THR B 118 9.79 -6.12 -9.65
C THR B 118 8.30 -6.40 -9.50
N LEU B 119 7.45 -5.47 -9.98
CA LEU B 119 6.01 -5.68 -9.86
C LEU B 119 5.56 -6.71 -10.90
N VAL B 120 4.87 -7.72 -10.43
CA VAL B 120 4.28 -8.73 -11.29
C VAL B 120 2.79 -8.72 -11.03
N THR B 121 2.01 -8.45 -12.06
CA THR B 121 0.57 -8.34 -11.95
C THR B 121 -0.06 -9.47 -12.76
N VAL B 122 -0.91 -10.28 -12.13
CA VAL B 122 -1.58 -11.39 -12.80
C VAL B 122 -3.10 -11.16 -12.79
N SER B 123 -3.73 -11.38 -13.94
CA SER B 123 -5.19 -11.25 -14.06
C SER B 123 -5.61 -11.60 -15.48
N SER B 124 -6.88 -12.00 -15.62
CA SER B 124 -7.47 -12.20 -16.94
C SER B 124 -8.01 -10.90 -17.54
N ALA B 125 -7.63 -9.76 -16.97
CA ALA B 125 -7.94 -8.47 -17.58
C ALA B 125 -6.89 -8.13 -18.63
N SER B 126 -7.05 -6.97 -19.25
CA SER B 126 -6.11 -6.48 -20.27
C SER B 126 -6.07 -4.97 -20.18
N THR B 127 -5.04 -4.38 -20.81
CA THR B 127 -4.74 -2.96 -20.63
C THR B 127 -5.93 -2.08 -21.03
N LYS B 128 -5.93 -0.84 -20.54
CA LYS B 128 -7.00 0.14 -20.78
C LYS B 128 -6.70 1.50 -20.15
N GLY B 129 -6.87 2.58 -20.91
CA GLY B 129 -6.67 3.92 -20.42
C GLY B 129 -7.90 4.49 -19.75
N PRO B 130 -7.71 5.42 -18.77
CA PRO B 130 -8.84 5.88 -17.94
C PRO B 130 -9.46 7.21 -18.38
N SER B 131 -10.78 7.32 -18.24
CA SER B 131 -11.44 8.61 -18.35
C SER B 131 -11.66 9.19 -16.96
N VAL B 132 -11.55 10.51 -16.86
CA VAL B 132 -11.58 11.20 -15.59
C VAL B 132 -12.85 12.05 -15.55
N PHE B 133 -13.67 11.82 -14.52
CA PHE B 133 -14.95 12.46 -14.21
C PHE B 133 -14.79 13.45 -13.06
N PRO B 134 -15.36 14.64 -13.19
CA PRO B 134 -15.18 15.66 -12.15
C PRO B 134 -15.97 15.33 -10.89
N LEU B 135 -15.47 15.83 -9.76
CA LEU B 135 -16.15 15.80 -8.47
C LEU B 135 -16.42 17.26 -8.12
N ALA B 136 -17.58 17.75 -8.52
CA ALA B 136 -17.84 19.18 -8.41
C ALA B 136 -17.99 19.59 -6.95
N PRO B 137 -17.48 20.75 -6.56
CA PRO B 137 -17.75 21.26 -5.21
C PRO B 137 -19.21 21.65 -5.07
N SER B 138 -19.83 21.20 -4.00
CA SER B 138 -21.22 21.55 -3.74
C SER B 138 -21.35 23.04 -3.49
N SER B 139 -22.40 23.65 -4.03
CA SER B 139 -22.77 25.00 -3.65
C SER B 139 -23.45 25.04 -2.28
N LYS B 140 -23.53 23.89 -1.61
CA LYS B 140 -24.21 23.77 -0.32
C LYS B 140 -23.22 23.36 0.77
N GLY B 145 -16.12 29.53 4.61
CA GLY B 145 -16.00 28.12 4.90
C GLY B 145 -15.05 27.39 3.97
N THR B 146 -15.04 26.06 4.04
CA THR B 146 -14.13 25.21 3.26
C THR B 146 -14.91 24.37 2.25
N ALA B 147 -14.48 24.42 0.98
CA ALA B 147 -15.07 23.61 -0.08
C ALA B 147 -14.12 22.48 -0.49
N ALA B 148 -14.70 21.38 -0.96
CA ALA B 148 -13.95 20.22 -1.41
C ALA B 148 -14.36 19.88 -2.83
N LEU B 149 -13.36 19.56 -3.67
CA LEU B 149 -13.57 19.24 -5.07
C LEU B 149 -12.52 18.21 -5.49
N GLY B 150 -12.79 17.53 -6.60
CA GLY B 150 -11.84 16.49 -6.95
C GLY B 150 -12.01 15.94 -8.35
N CYS B 151 -11.24 14.89 -8.62
CA CYS B 151 -11.20 14.20 -9.90
C CYS B 151 -11.29 12.71 -9.64
N LEU B 152 -12.23 12.04 -10.29
CA LEU B 152 -12.37 10.59 -10.19
C LEU B 152 -11.75 9.97 -11.44
N VAL B 153 -10.89 8.97 -11.25
CA VAL B 153 -10.15 8.31 -12.33
C VAL B 153 -10.52 6.83 -12.31
N LYS B 154 -11.30 6.39 -13.31
CA LYS B 154 -12.02 5.13 -13.23
C LYS B 154 -11.66 4.21 -14.39
N ASP B 155 -11.73 2.90 -14.12
CA ASP B 155 -11.71 1.83 -15.12
C ASP B 155 -10.47 1.90 -16.01
N TYR B 156 -9.34 1.62 -15.38
CA TYR B 156 -8.05 1.68 -16.04
C TYR B 156 -7.27 0.42 -15.70
N PHE B 157 -6.17 0.21 -16.46
CA PHE B 157 -5.25 -0.82 -16.04
C PHE B 157 -3.85 -0.29 -15.72
N PRO B 158 -3.04 0.13 -16.70
CA PRO B 158 -1.59 0.25 -16.45
C PRO B 158 -1.28 1.19 -15.29
N GLU B 159 -0.53 0.68 -14.30
CA GLU B 159 -0.66 1.14 -12.92
C GLU B 159 -0.34 2.62 -12.71
N PRO B 160 0.89 3.10 -12.96
CA PRO B 160 1.24 4.46 -12.49
C PRO B 160 0.45 5.55 -13.21
N VAL B 161 -0.70 5.92 -12.65
CA VAL B 161 -1.49 7.04 -13.11
C VAL B 161 -1.10 8.20 -12.21
N THR B 162 -0.27 9.12 -12.70
CA THR B 162 0.09 10.27 -11.91
C THR B 162 -0.95 11.38 -12.04
N VAL B 163 -1.16 12.11 -10.96
CA VAL B 163 -2.14 13.18 -10.90
C VAL B 163 -1.46 14.44 -10.37
N SER B 164 -1.66 15.55 -11.05
CA SER B 164 -1.20 16.86 -10.63
C SER B 164 -2.40 17.80 -10.58
N TRP B 165 -2.29 18.87 -9.80
CA TRP B 165 -3.32 19.91 -9.74
C TRP B 165 -2.74 21.24 -10.18
N ASN B 166 -3.44 21.92 -11.07
CA ASN B 166 -3.02 23.23 -11.60
C ASN B 166 -1.61 23.17 -12.18
N SER B 167 -1.27 22.04 -12.79
CA SER B 167 0.04 21.80 -13.40
C SER B 167 1.17 21.88 -12.38
N GLY B 168 0.88 21.69 -11.10
CA GLY B 168 1.85 21.71 -10.03
C GLY B 168 1.72 22.91 -9.11
N ALA B 169 1.10 23.99 -9.58
CA ALA B 169 0.96 25.21 -8.78
C ALA B 169 0.01 25.04 -7.61
N LEU B 170 -0.54 23.85 -7.40
CA LEU B 170 -1.42 23.57 -6.27
C LEU B 170 -1.03 22.22 -5.69
N THR B 171 -0.72 22.21 -4.40
CA THR B 171 -0.21 21.01 -3.74
C THR B 171 -0.71 20.94 -2.31
N SER B 172 -0.88 22.10 -1.69
CA SER B 172 -1.37 22.13 -0.31
C SER B 172 -2.82 21.64 -0.28
N GLY B 173 -3.11 20.73 0.64
CA GLY B 173 -4.44 20.15 0.81
C GLY B 173 -4.78 19.00 -0.13
N VAL B 174 -3.92 18.67 -1.08
CA VAL B 174 -4.24 17.63 -2.06
C VAL B 174 -4.12 16.26 -1.41
N HIS B 175 -5.11 15.40 -1.65
CA HIS B 175 -5.03 13.99 -1.29
C HIS B 175 -5.32 13.17 -2.53
N THR B 176 -4.38 12.30 -2.88
CA THR B 176 -4.56 11.35 -3.97
C THR B 176 -4.54 9.94 -3.37
N PHE B 177 -5.66 9.25 -3.47
CA PHE B 177 -5.86 8.01 -2.74
C PHE B 177 -5.24 6.81 -3.47
N PRO B 178 -4.84 5.78 -2.73
CA PRO B 178 -4.31 4.58 -3.38
C PRO B 178 -5.42 3.84 -4.10
N ALA B 179 -5.06 3.21 -5.21
CA ALA B 179 -6.05 2.65 -6.10
C ALA B 179 -6.73 1.43 -5.49
N VAL B 180 -7.93 1.15 -5.98
CA VAL B 180 -8.69 -0.04 -5.60
C VAL B 180 -8.95 -0.86 -6.87
N LEU B 181 -9.21 -2.16 -6.66
CA LEU B 181 -9.49 -3.10 -7.75
C LEU B 181 -10.91 -3.63 -7.59
N GLN B 182 -11.74 -3.43 -8.61
CA GLN B 182 -13.12 -3.88 -8.55
C GLN B 182 -13.24 -5.32 -9.05
N SER B 183 -14.39 -5.95 -8.76
CA SER B 183 -14.62 -7.33 -9.20
C SER B 183 -14.36 -7.53 -10.68
N SER B 184 -14.48 -6.47 -11.48
CA SER B 184 -13.89 -6.44 -12.81
C SER B 184 -13.31 -5.05 -13.04
N GLY B 185 -12.30 -4.98 -13.89
CA GLY B 185 -11.48 -3.78 -14.01
C GLY B 185 -10.18 -3.95 -13.24
N SER B 188 -9.66 1.68 -9.96
CA SER B 188 -10.15 3.06 -9.87
C SER B 188 -9.45 3.85 -8.75
N LEU B 189 -9.19 5.12 -9.05
CA LEU B 189 -8.58 6.04 -8.10
C LEU B 189 -9.45 7.30 -8.02
N SER B 190 -9.27 8.05 -6.94
CA SER B 190 -9.83 9.38 -6.83
C SER B 190 -8.77 10.31 -6.24
N SER B 191 -8.84 11.59 -6.62
CA SER B 191 -8.01 12.63 -6.04
C SER B 191 -8.87 13.82 -5.66
N VAL B 192 -8.62 14.39 -4.49
CA VAL B 192 -9.42 15.49 -3.97
C VAL B 192 -8.50 16.59 -3.48
N VAL B 193 -9.08 17.77 -3.30
CA VAL B 193 -8.35 18.92 -2.76
C VAL B 193 -9.32 19.79 -1.97
N THR B 194 -8.79 20.41 -0.91
CA THR B 194 -9.50 21.31 -0.02
C THR B 194 -9.20 22.75 -0.43
N VAL B 195 -10.23 23.59 -0.50
CA VAL B 195 -10.04 24.99 -0.91
C VAL B 195 -10.97 25.91 -0.13
N PRO B 196 -10.65 27.20 -0.02
CA PRO B 196 -11.64 28.15 0.52
C PRO B 196 -12.81 28.30 -0.43
N SER B 197 -14.02 28.30 0.13
CA SER B 197 -15.23 28.47 -0.68
C SER B 197 -15.15 29.72 -1.55
N SER B 198 -14.52 30.78 -1.04
CA SER B 198 -14.52 32.06 -1.74
C SER B 198 -13.83 31.97 -3.09
N SER B 199 -12.84 31.10 -3.23
CA SER B 199 -12.06 31.07 -4.45
C SER B 199 -12.83 30.43 -5.61
N LEU B 200 -13.90 29.69 -5.30
CA LEU B 200 -14.70 29.04 -6.33
C LEU B 200 -15.21 30.06 -7.34
N GLY B 201 -15.12 29.70 -8.61
CA GLY B 201 -15.44 30.65 -9.68
C GLY B 201 -14.29 31.55 -10.10
N THR B 202 -13.59 32.11 -9.12
CA THR B 202 -12.40 32.94 -9.38
C THR B 202 -11.26 32.05 -9.84
N GLN B 203 -10.62 31.38 -8.88
CA GLN B 203 -9.54 30.46 -9.21
C GLN B 203 -10.08 29.27 -9.98
N THR B 204 -9.46 28.98 -11.12
CA THR B 204 -9.87 27.86 -11.95
C THR B 204 -9.03 26.64 -11.58
N TYR B 205 -9.69 25.60 -11.10
CA TYR B 205 -9.01 24.38 -10.67
C TYR B 205 -9.09 23.34 -11.79
N ILE B 206 -7.97 22.70 -12.07
CA ILE B 206 -7.85 21.72 -13.14
C ILE B 206 -6.92 20.62 -12.67
N CYS B 207 -7.32 19.36 -12.86
CA CYS B 207 -6.46 18.23 -12.52
C CYS B 207 -5.82 17.66 -13.78
N ASN B 208 -4.61 17.14 -13.62
CA ASN B 208 -3.81 16.62 -14.72
C ASN B 208 -3.50 15.16 -14.44
N VAL B 209 -4.11 14.26 -15.21
CA VAL B 209 -3.77 12.85 -15.16
C VAL B 209 -2.78 12.58 -16.30
N ASN B 210 -1.56 12.19 -15.93
CA ASN B 210 -0.49 11.96 -16.88
CA ASN B 210 -0.49 11.96 -16.89
C ASN B 210 -0.15 10.47 -16.91
N HIS B 211 -1.12 9.67 -17.35
CA HIS B 211 -0.97 8.22 -17.46
C HIS B 211 0.12 7.86 -18.45
N LYS B 212 1.28 7.40 -17.97
CA LYS B 212 2.44 7.22 -18.86
C LYS B 212 2.38 6.00 -19.80
N PRO B 213 1.74 4.86 -19.43
CA PRO B 213 1.72 3.74 -20.40
C PRO B 213 0.73 3.94 -21.55
N SER B 214 -0.53 4.23 -21.25
CA SER B 214 -1.53 4.35 -22.31
C SER B 214 -1.34 5.57 -23.19
N ASN B 215 -0.37 6.44 -22.88
CA ASN B 215 -0.23 7.75 -23.53
C ASN B 215 -1.50 8.58 -23.37
N THR B 216 -2.04 8.60 -22.14
CA THR B 216 -3.25 9.37 -21.83
C THR B 216 -2.86 10.64 -21.09
N LYS B 217 -3.30 11.79 -21.61
CA LYS B 217 -3.01 13.10 -21.02
C LYS B 217 -4.30 13.87 -20.90
N VAL B 218 -5.19 13.39 -20.05
CA VAL B 218 -6.49 14.01 -19.84
C VAL B 218 -6.34 15.09 -18.78
N ASP B 219 -6.60 16.33 -19.15
CA ASP B 219 -6.54 17.50 -18.26
C ASP B 219 -7.96 18.00 -18.09
N LYS B 220 -8.61 17.62 -16.98
CA LYS B 220 -10.00 17.92 -16.73
C LYS B 220 -10.12 19.13 -15.80
N LYS B 221 -11.02 20.05 -16.15
CA LYS B 221 -11.31 21.22 -15.36
C LYS B 221 -12.52 20.95 -14.47
N VAL B 222 -12.47 21.45 -13.24
CA VAL B 222 -13.54 21.22 -12.28
C VAL B 222 -14.13 22.56 -11.91
N GLU B 223 -15.44 22.66 -12.01
CA GLU B 223 -16.19 23.87 -11.69
C GLU B 223 -17.38 23.46 -10.83
N PRO B 224 -17.98 24.42 -10.11
CA PRO B 224 -19.20 24.10 -9.37
C PRO B 224 -20.38 23.91 -10.31
N LYS B 225 -21.24 22.95 -9.98
CA LYS B 225 -22.39 22.63 -10.82
C LYS B 225 -23.54 23.56 -10.48
N SER B 226 -24.26 24.00 -11.52
CA SER B 226 -25.35 24.95 -11.38
C SER B 226 -26.69 24.28 -11.68
N CYS B 227 -27.76 25.08 -11.69
CA CYS B 227 -29.13 24.58 -11.75
C CYS B 227 -29.82 25.08 -13.01
N ASP B 228 -30.48 24.17 -13.73
CA ASP B 228 -31.04 24.43 -15.07
C ASP B 228 -29.96 25.01 -15.99
#